data_3JUW
#
_entry.id   3JUW
#
_cell.length_a   120.211
_cell.length_b   65.886
_cell.length_c   64.375
_cell.angle_alpha   90.000
_cell.angle_beta   102.490
_cell.angle_gamma   90.000
#
_symmetry.space_group_name_H-M   'C 1 2 1'
#
loop_
_entity.id
_entity.type
_entity.pdbx_description
1 polymer 'Probable GnaT-family acetyltransferase'
2 non-polymer 'SULFATE ION'
3 water water
#
_entity_poly.entity_id   1
_entity_poly.type   'polypeptide(L)'
_entity_poly.pdbx_seq_one_letter_code
;SNA(MSE)TN(MSE)RQVLKTDRLVLEPQS(MSE)ARFDQWFA(MSE)ERQRDEAGHRDLTEDQAWLRLCARQG(MSE)W
DAYACGFYYLLDPVSGE(MSE)RGEAGFQFRRRGFGPGFDNHPEAAWAVASAHQGRGLAAEA(MSE)QALLAHHDRSSGR
QRVVALIARSNLPSLRLAERLGFRGYSDVAFDGAAHLLLERAG
;
_entity_poly.pdbx_strand_id   A,B,C
#
loop_
_chem_comp.id
_chem_comp.type
_chem_comp.name
_chem_comp.formula
SO4 non-polymer 'SULFATE ION' 'O4 S -2'
#
# COMPACT_ATOMS: atom_id res chain seq x y z
N ARG A 8 4.86 27.95 -3.83
CA ARG A 8 5.77 27.09 -4.68
C ARG A 8 5.71 27.53 -6.13
N GLN A 9 6.79 27.29 -6.88
CA GLN A 9 6.94 27.94 -8.19
C GLN A 9 6.01 27.34 -9.26
N VAL A 10 5.24 28.22 -9.88
CA VAL A 10 4.39 27.82 -10.99
C VAL A 10 5.30 27.83 -12.23
N LEU A 11 5.22 26.78 -13.04
CA LEU A 11 6.02 26.74 -14.24
C LEU A 11 5.06 26.84 -15.41
N LYS A 12 5.54 27.35 -16.53
CA LYS A 12 4.67 27.57 -17.66
C LYS A 12 5.28 26.90 -18.90
N THR A 13 4.49 26.24 -19.73
CA THR A 13 5.05 25.80 -21.00
C THR A 13 4.24 26.45 -22.10
N ASP A 14 4.57 26.18 -23.36
CA ASP A 14 3.77 26.71 -24.49
C ASP A 14 2.27 26.54 -24.27
N ARG A 15 1.85 25.42 -23.70
CA ARG A 15 0.44 25.05 -23.72
C ARG A 15 -0.12 24.67 -22.37
N LEU A 16 0.67 24.83 -21.31
CA LEU A 16 0.24 24.38 -19.99
C LEU A 16 0.71 25.33 -18.93
N VAL A 17 -0.06 25.45 -17.86
CA VAL A 17 0.43 26.04 -16.62
C VAL A 17 0.54 24.86 -15.67
N LEU A 18 1.69 24.73 -15.03
CA LEU A 18 2.04 23.60 -14.16
C LEU A 18 2.13 24.16 -12.76
N GLU A 19 1.11 23.84 -11.96
CA GLU A 19 1.01 24.34 -10.59
C GLU A 19 1.22 23.25 -9.56
N PRO A 20 2.18 23.45 -8.65
CA PRO A 20 2.39 22.49 -7.57
C PRO A 20 1.09 22.14 -6.83
N GLN A 21 0.86 20.84 -6.56
CA GLN A 21 -0.49 20.45 -6.09
C GLN A 21 -0.64 20.85 -4.62
N SER A 22 -1.76 21.44 -4.31
CA SER A 22 -2.09 21.73 -2.94
C SER A 22 -3.58 21.50 -2.73
N MSE A 23 -4.03 21.55 -1.46
CA MSE A 23 -5.42 21.26 -1.09
C MSE A 23 -6.41 22.26 -1.70
O MSE A 23 -7.59 21.96 -1.82
CB MSE A 23 -5.62 21.28 0.45
CG MSE A 23 -4.73 20.33 1.30
SE MSE A 23 -4.56 18.60 0.47
CE MSE A 23 -6.38 17.92 0.57
N ALA A 24 -5.94 23.44 -2.02
CA ALA A 24 -6.78 24.48 -2.59
C ALA A 24 -7.58 24.00 -3.82
N ARG A 25 -7.01 23.09 -4.66
CA ARG A 25 -7.78 22.62 -5.85
C ARG A 25 -8.43 21.25 -5.67
N PHE A 26 -8.72 20.86 -4.43
CA PHE A 26 -9.23 19.51 -4.17
C PHE A 26 -10.51 19.12 -4.92
N ASP A 27 -11.52 19.99 -4.97
CA ASP A 27 -12.76 19.70 -5.70
C ASP A 27 -12.52 19.40 -7.19
N GLN A 28 -11.69 20.22 -7.81
CA GLN A 28 -11.44 20.20 -9.22
C GLN A 28 -10.63 18.96 -9.55
N TRP A 29 -9.69 18.62 -8.67
CA TRP A 29 -8.77 17.52 -8.92
C TRP A 29 -9.51 16.19 -8.68
N PHE A 30 -10.33 16.16 -7.64
CA PHE A 30 -11.16 15.00 -7.32
C PHE A 30 -12.10 14.66 -8.49
N ALA A 31 -12.77 15.66 -9.07
CA ALA A 31 -13.59 15.45 -10.29
C ALA A 31 -12.77 14.93 -11.50
N MSE A 32 -11.55 15.40 -11.70
CA MSE A 32 -10.70 14.80 -12.71
C MSE A 32 -10.39 13.33 -12.40
O MSE A 32 -10.44 12.47 -13.29
CB MSE A 32 -9.39 15.58 -12.87
CG MSE A 32 -8.46 15.11 -13.99
SE MSE A 32 -6.68 15.82 -13.82
CE MSE A 32 -6.06 15.09 -12.17
N GLU A 33 -10.03 13.02 -11.14
CA GLU A 33 -9.70 11.63 -10.80
C GLU A 33 -10.86 10.67 -11.04
N ARG A 34 -12.08 11.18 -10.92
CA ARG A 34 -13.23 10.27 -11.06
C ARG A 34 -13.61 10.02 -12.50
N GLN A 35 -13.17 10.88 -13.40
CA GLN A 35 -13.43 10.67 -14.84
C GLN A 35 -12.34 9.85 -15.50
N ARG A 36 -11.26 9.60 -14.77
CA ARG A 36 -10.21 8.68 -15.16
C ARG A 36 -10.66 7.20 -14.97
N ASP A 37 -10.88 6.52 -16.09
CA ASP A 37 -11.43 5.16 -16.05
C ASP A 37 -10.38 4.05 -15.80
N GLU A 38 -10.11 3.80 -14.51
CA GLU A 38 -8.95 3.02 -14.07
C GLU A 38 -9.13 2.77 -12.59
N ALA A 39 -8.99 1.52 -12.15
CA ALA A 39 -9.03 1.20 -10.73
C ALA A 39 -8.01 2.06 -9.94
N GLY A 40 -8.44 2.57 -8.79
CA GLY A 40 -7.62 3.46 -7.94
C GLY A 40 -7.88 4.92 -8.25
N HIS A 41 -8.74 5.17 -9.24
CA HIS A 41 -9.03 6.53 -9.58
C HIS A 41 -10.51 6.71 -9.64
N ARG A 42 -11.20 6.00 -10.54
CA ARG A 42 -12.66 6.06 -10.62
C ARG A 42 -13.37 5.64 -9.34
N ASP A 43 -12.68 4.90 -8.49
CA ASP A 43 -13.35 4.26 -7.35
C ASP A 43 -12.82 4.76 -5.99
N LEU A 44 -12.20 5.94 -5.95
CA LEU A 44 -11.80 6.58 -4.67
C LEU A 44 -13.03 7.14 -3.96
N THR A 45 -13.16 6.85 -2.66
CA THR A 45 -14.09 7.62 -1.84
C THR A 45 -13.52 9.03 -1.70
N GLU A 46 -14.31 9.98 -1.20
CA GLU A 46 -13.83 11.35 -1.11
C GLU A 46 -12.74 11.35 -0.03
N ASP A 47 -12.91 10.57 1.02
CA ASP A 47 -11.85 10.53 2.02
C ASP A 47 -10.53 9.95 1.49
N GLN A 48 -10.60 8.90 0.65
CA GLN A 48 -9.33 8.35 0.05
C GLN A 48 -8.69 9.42 -0.87
N ALA A 49 -9.50 10.16 -1.57
CA ALA A 49 -8.98 11.14 -2.52
C ALA A 49 -8.33 12.25 -1.71
N TRP A 50 -9.01 12.66 -0.64
CA TRP A 50 -8.50 13.67 0.24
C TRP A 50 -7.18 13.24 0.89
N LEU A 51 -7.07 12.00 1.38
CA LEU A 51 -5.78 11.58 1.90
C LEU A 51 -4.70 11.50 0.86
N ARG A 52 -5.04 11.15 -0.36
CA ARG A 52 -4.03 11.09 -1.43
C ARG A 52 -3.51 12.49 -1.76
N LEU A 53 -4.39 13.47 -1.82
CA LEU A 53 -3.92 14.82 -2.05
C LEU A 53 -3.15 15.41 -0.82
N CYS A 54 -3.60 15.14 0.41
CA CYS A 54 -2.80 15.48 1.60
C CYS A 54 -1.39 14.93 1.50
N ALA A 55 -1.26 13.69 1.02
CA ALA A 55 0.05 13.04 0.87
C ALA A 55 0.86 13.78 -0.18
N ARG A 56 0.25 14.27 -1.24
CA ARG A 56 0.99 15.01 -2.28
C ARG A 56 1.58 16.30 -1.65
N GLN A 57 0.78 17.02 -0.82
CA GLN A 57 1.28 18.21 -0.11
C GLN A 57 2.42 17.89 0.89
N GLY A 58 2.28 16.78 1.64
CA GLY A 58 3.32 16.24 2.48
C GLY A 58 4.65 16.01 1.81
N MSE A 59 4.58 15.53 0.58
CA MSE A 59 5.75 15.32 -0.29
C MSE A 59 6.47 16.61 -0.61
O MSE A 59 7.69 16.64 -0.50
CB MSE A 59 5.40 14.59 -1.58
CG MSE A 59 5.49 13.02 -1.41
SE MSE A 59 4.38 12.00 -2.68
CE MSE A 59 4.40 13.14 -4.30
N TRP A 60 5.72 17.64 -1.05
CA TRP A 60 6.27 18.94 -1.25
C TRP A 60 6.95 19.47 0.03
N ASP A 61 6.33 19.28 1.18
CA ASP A 61 6.88 19.74 2.44
C ASP A 61 8.17 19.06 2.82
N ALA A 62 8.24 17.77 2.63
CA ALA A 62 9.40 17.00 3.12
C ALA A 62 10.58 17.09 2.15
N TYR A 63 10.30 17.19 0.87
CA TYR A 63 11.33 17.06 -0.15
C TYR A 63 11.55 18.24 -1.11
N ALA A 64 10.70 19.25 -1.04
CA ALA A 64 10.74 20.37 -1.99
C ALA A 64 10.65 19.94 -3.45
N CYS A 65 10.03 18.80 -3.72
CA CYS A 65 9.56 18.55 -5.08
C CYS A 65 8.36 17.62 -5.00
N GLY A 66 7.61 17.51 -6.11
CA GLY A 66 6.45 16.65 -6.13
C GLY A 66 5.55 16.85 -7.32
N PHE A 67 4.24 16.63 -7.13
CA PHE A 67 3.30 16.62 -8.20
C PHE A 67 2.74 17.99 -8.55
N TYR A 68 2.39 18.18 -9.82
CA TYR A 68 1.82 19.40 -10.35
C TYR A 68 0.47 19.13 -10.99
N TYR A 69 -0.45 20.07 -10.88
CA TYR A 69 -1.64 20.10 -11.72
C TYR A 69 -1.26 20.64 -13.11
N LEU A 70 -1.79 20.05 -14.19
CA LEU A 70 -1.61 20.67 -15.53
C LEU A 70 -2.85 21.46 -15.85
N LEU A 71 -2.70 22.79 -15.98
CA LEU A 71 -3.85 23.64 -16.24
C LEU A 71 -3.79 24.25 -17.68
N ASP A 72 -4.93 24.25 -18.34
CA ASP A 72 -5.08 24.91 -19.63
C ASP A 72 -5.00 26.43 -19.49
N PRO A 73 -4.05 27.08 -20.21
CA PRO A 73 -3.82 28.50 -20.07
C PRO A 73 -4.99 29.31 -20.53
N VAL A 74 -5.84 28.74 -21.40
CA VAL A 74 -7.00 29.45 -21.89
C VAL A 74 -8.17 29.31 -20.93
N SER A 75 -8.61 28.10 -20.65
CA SER A 75 -9.82 27.88 -19.87
C SER A 75 -9.61 27.74 -18.37
N GLY A 76 -8.40 27.43 -17.92
CA GLY A 76 -8.18 27.16 -16.51
C GLY A 76 -8.60 25.76 -16.07
N GLU A 77 -9.15 24.95 -16.96
CA GLU A 77 -9.52 23.59 -16.63
C GLU A 77 -8.27 22.73 -16.45
N MSE A 78 -8.38 21.70 -15.63
CA MSE A 78 -7.27 20.82 -15.35
C MSE A 78 -7.20 19.68 -16.39
O MSE A 78 -8.15 18.94 -16.57
CB MSE A 78 -7.43 20.26 -13.93
CG MSE A 78 -6.23 19.53 -13.35
SE MSE A 78 -6.70 18.99 -11.59
CE MSE A 78 -6.71 20.65 -10.67
N ARG A 79 -6.07 19.56 -17.08
CA ARG A 79 -5.91 18.57 -18.18
C ARG A 79 -5.21 17.29 -17.72
N GLY A 80 -4.79 17.27 -16.46
CA GLY A 80 -4.04 16.16 -15.94
C GLY A 80 -3.13 16.56 -14.79
N GLU A 81 -2.10 15.76 -14.56
CA GLU A 81 -1.17 15.97 -13.47
C GLU A 81 0.13 15.18 -13.78
N ALA A 82 1.25 15.72 -13.34
CA ALA A 82 2.56 15.10 -13.51
C ALA A 82 3.51 15.63 -12.48
N GLY A 83 4.60 14.88 -12.30
CA GLY A 83 5.58 15.27 -11.34
C GLY A 83 6.26 14.08 -10.73
N PHE A 84 6.61 14.23 -9.46
CA PHE A 84 7.49 13.29 -8.80
C PHE A 84 6.79 12.89 -7.55
N GLN A 85 6.97 11.65 -7.17
CA GLN A 85 6.40 11.17 -5.96
C GLN A 85 7.41 10.28 -5.27
N PHE A 86 7.21 10.10 -3.97
CA PHE A 86 8.07 9.25 -3.17
C PHE A 86 7.16 8.22 -2.55
N ARG A 87 7.54 6.95 -2.77
CA ARG A 87 6.70 5.78 -2.51
C ARG A 87 7.55 4.60 -1.94
N ARG A 88 6.91 3.73 -1.16
CA ARG A 88 7.61 2.55 -0.68
C ARG A 88 6.84 1.29 -1.10
N ARG A 89 6.82 1.01 -2.39
CA ARG A 89 6.07 -0.09 -2.90
C ARG A 89 6.76 -1.44 -2.66
N GLY A 90 8.00 -1.42 -2.15
CA GLY A 90 8.72 -2.65 -1.82
C GLY A 90 9.52 -3.22 -2.99
N PHE A 91 9.97 -2.38 -3.91
CA PHE A 91 10.77 -2.86 -5.02
C PHE A 91 12.24 -2.75 -4.73
N GLY A 92 12.61 -2.34 -3.53
CA GLY A 92 14.02 -2.35 -3.19
C GLY A 92 14.59 -0.95 -3.12
N PRO A 93 15.79 -0.83 -2.54
CA PRO A 93 16.40 0.46 -2.28
C PRO A 93 16.88 1.17 -3.57
N GLY A 94 17.01 0.42 -4.67
CA GLY A 94 17.31 1.02 -5.98
C GLY A 94 16.11 1.80 -6.55
N PHE A 95 14.93 1.52 -5.99
CA PHE A 95 13.70 2.07 -6.51
C PHE A 95 12.82 2.84 -5.48
N ASP A 96 12.49 2.23 -4.35
CA ASP A 96 11.75 2.91 -3.29
C ASP A 96 12.50 4.11 -2.75
N ASN A 97 11.78 5.14 -2.34
CA ASN A 97 12.40 6.40 -1.89
C ASN A 97 13.37 7.14 -2.85
N HIS A 98 13.10 7.07 -4.15
CA HIS A 98 13.81 7.94 -5.10
C HIS A 98 12.73 8.76 -5.76
N PRO A 99 13.10 9.90 -6.33
CA PRO A 99 12.03 10.63 -6.99
C PRO A 99 11.54 9.76 -8.11
N GLU A 100 10.25 9.47 -8.09
CA GLU A 100 9.65 8.71 -9.11
C GLU A 100 8.71 9.56 -10.00
N ALA A 101 9.01 9.58 -11.30
CA ALA A 101 8.23 10.38 -12.22
C ALA A 101 6.93 9.66 -12.57
N ALA A 102 5.86 10.42 -12.75
CA ALA A 102 4.57 9.87 -13.08
C ALA A 102 3.70 10.94 -13.66
N TRP A 103 2.77 10.56 -14.51
CA TRP A 103 1.99 11.51 -15.28
C TRP A 103 0.73 10.85 -15.76
N ALA A 104 -0.30 11.67 -16.00
CA ALA A 104 -1.54 11.22 -16.57
C ALA A 104 -2.27 12.43 -17.19
N VAL A 105 -2.83 12.24 -18.38
CA VAL A 105 -3.58 13.28 -19.06
C VAL A 105 -5.05 12.81 -19.15
N ALA A 106 -6.00 13.68 -18.92
CA ALA A 106 -7.41 13.33 -19.04
C ALA A 106 -7.63 12.76 -20.43
N SER A 107 -8.51 11.75 -20.51
CA SER A 107 -8.75 11.04 -21.76
C SER A 107 -9.13 11.92 -22.95
N ALA A 108 -10.01 12.90 -22.73
CA ALA A 108 -10.41 13.84 -23.76
C ALA A 108 -9.25 14.61 -24.45
N HIS A 109 -8.07 14.68 -23.81
CA HIS A 109 -6.97 15.54 -24.28
C HIS A 109 -5.68 14.77 -24.52
N GLN A 110 -5.82 13.44 -24.55
CA GLN A 110 -4.72 12.59 -24.84
C GLN A 110 -4.34 12.64 -26.32
N GLY A 111 -3.12 12.22 -26.59
CA GLY A 111 -2.61 12.17 -27.95
C GLY A 111 -2.23 13.51 -28.55
N ARG A 112 -1.95 14.53 -27.73
CA ARG A 112 -1.49 15.81 -28.28
CA ARG A 112 -1.49 15.80 -28.30
C ARG A 112 -0.09 16.17 -27.82
N GLY A 113 0.61 15.22 -27.21
CA GLY A 113 1.93 15.53 -26.65
C GLY A 113 1.89 16.31 -25.32
N LEU A 114 0.73 16.42 -24.68
CA LEU A 114 0.69 17.11 -23.38
C LEU A 114 1.61 16.53 -22.27
N ALA A 115 1.64 15.21 -22.14
CA ALA A 115 2.41 14.61 -21.06
C ALA A 115 3.90 14.85 -21.21
N ALA A 116 4.35 14.71 -22.46
CA ALA A 116 5.73 14.98 -22.84
C ALA A 116 6.14 16.42 -22.58
N GLU A 117 5.28 17.36 -22.96
CA GLU A 117 5.53 18.78 -22.72
C GLU A 117 5.62 19.11 -21.23
N ALA A 118 4.67 18.62 -20.42
CA ALA A 118 4.71 18.78 -18.99
C ALA A 118 6.00 18.11 -18.44
N MSE A 119 6.27 16.84 -18.80
CA MSE A 119 7.41 16.13 -18.20
C MSE A 119 8.80 16.68 -18.62
O MSE A 119 9.67 16.77 -17.78
CB MSE A 119 7.36 14.60 -18.38
CG MSE A 119 6.28 13.94 -17.52
SE MSE A 119 6.64 13.99 -15.62
CE MSE A 119 8.47 13.81 -15.54
N GLN A 120 8.96 17.08 -19.89
CA GLN A 120 10.20 17.69 -20.36
C GLN A 120 10.52 18.87 -19.42
N ALA A 121 9.51 19.74 -19.22
CA ALA A 121 9.62 20.96 -18.44
C ALA A 121 9.89 20.68 -16.95
N LEU A 122 9.18 19.69 -16.37
CA LEU A 122 9.40 19.35 -14.95
C LEU A 122 10.78 18.74 -14.68
N LEU A 123 11.25 17.91 -15.62
CA LEU A 123 12.61 17.32 -15.54
C LEU A 123 13.71 18.36 -15.60
N ALA A 124 13.55 19.38 -16.45
CA ALA A 124 14.59 20.40 -16.60
C ALA A 124 14.62 21.25 -15.32
N HIS A 125 13.47 21.52 -14.78
CA HIS A 125 13.39 22.24 -13.54
C HIS A 125 14.00 21.45 -12.38
N HIS A 126 13.74 20.15 -12.39
CA HIS A 126 14.28 19.28 -11.36
C HIS A 126 15.80 19.24 -11.44
N ASP A 127 16.34 19.14 -12.64
CA ASP A 127 17.75 19.08 -12.86
C ASP A 127 18.50 20.29 -12.25
N ARG A 128 17.97 21.49 -12.47
CA ARG A 128 18.48 22.74 -11.88
C ARG A 128 18.40 22.79 -10.37
N SER A 129 17.31 22.30 -9.78
CA SER A 129 17.15 22.42 -8.35
C SER A 129 18.05 21.51 -7.54
N SER A 130 18.03 20.21 -7.85
CA SER A 130 18.71 19.24 -7.00
C SER A 130 19.93 18.72 -7.70
N GLY A 131 20.30 19.41 -8.78
CA GLY A 131 21.53 19.11 -9.47
C GLY A 131 21.56 17.75 -10.14
N ARG A 132 20.43 17.29 -10.66
CA ARG A 132 20.45 16.15 -11.59
C ARG A 132 20.69 14.77 -10.92
N GLN A 133 19.80 14.40 -10.02
CA GLN A 133 19.88 13.13 -9.36
C GLN A 133 19.11 12.10 -10.21
N ARG A 134 19.32 10.82 -9.93
CA ARG A 134 18.60 9.75 -10.60
C ARG A 134 17.07 9.82 -10.37
N VAL A 135 16.29 9.62 -11.41
CA VAL A 135 14.84 9.60 -11.30
C VAL A 135 14.35 8.28 -11.81
N VAL A 136 13.28 7.72 -11.22
CA VAL A 136 12.78 6.46 -11.65
C VAL A 136 11.36 6.54 -12.14
N ALA A 137 10.87 5.46 -12.76
CA ALA A 137 9.47 5.37 -13.14
C ALA A 137 8.98 3.93 -13.13
N LEU A 138 7.70 3.71 -12.86
CA LEU A 138 7.13 2.39 -12.84
C LEU A 138 6.07 2.37 -13.94
N ILE A 139 6.20 1.52 -14.94
CA ILE A 139 5.22 1.49 -16.05
C ILE A 139 4.89 0.06 -16.43
N ALA A 140 3.62 -0.20 -16.77
CA ALA A 140 3.15 -1.52 -17.14
C ALA A 140 3.74 -1.92 -18.49
N ARG A 141 4.17 -3.18 -18.57
CA ARG A 141 4.86 -3.66 -19.74
C ARG A 141 4.02 -3.57 -20.96
N SER A 142 2.70 -3.76 -20.80
CA SER A 142 1.74 -3.65 -21.88
C SER A 142 1.33 -2.20 -22.25
N ASN A 143 2.00 -1.21 -21.67
CA ASN A 143 1.63 0.18 -21.91
C ASN A 143 2.67 0.84 -22.85
N LEU A 144 2.56 0.46 -24.12
CA LEU A 144 3.51 0.81 -25.15
C LEU A 144 3.72 2.29 -25.31
N PRO A 145 2.64 3.08 -25.51
CA PRO A 145 2.81 4.54 -25.66
C PRO A 145 3.59 5.16 -24.53
N SER A 146 3.23 4.76 -23.32
CA SER A 146 3.81 5.31 -22.14
C SER A 146 5.30 4.93 -22.06
N LEU A 147 5.64 3.71 -22.46
CA LEU A 147 7.04 3.27 -22.47
C LEU A 147 7.84 4.07 -23.47
N ARG A 148 7.18 4.50 -24.56
CA ARG A 148 7.88 5.25 -25.65
C ARG A 148 8.19 6.65 -25.18
N LEU A 149 7.18 7.26 -24.56
CA LEU A 149 7.33 8.56 -23.99
C LEU A 149 8.49 8.46 -23.06
N ALA A 150 8.46 7.45 -22.20
CA ALA A 150 9.47 7.36 -21.18
C ALA A 150 10.87 7.27 -21.82
N GLU A 151 11.00 6.46 -22.85
CA GLU A 151 12.28 6.41 -23.57
C GLU A 151 12.73 7.78 -24.10
N ARG A 152 11.81 8.51 -24.69
CA ARG A 152 12.05 9.83 -25.20
C ARG A 152 12.46 10.84 -24.11
N LEU A 153 12.00 10.66 -22.87
CA LEU A 153 12.39 11.56 -21.78
C LEU A 153 13.72 11.16 -21.16
N GLY A 154 14.31 10.05 -21.61
CA GLY A 154 15.61 9.63 -21.06
C GLY A 154 15.62 8.39 -20.20
N PHE A 155 14.46 7.73 -20.05
CA PHE A 155 14.30 6.61 -19.14
C PHE A 155 14.61 5.32 -19.89
N ARG A 156 15.25 4.38 -19.18
CA ARG A 156 15.52 3.06 -19.70
C ARG A 156 15.11 2.05 -18.67
N GLY A 157 14.57 0.93 -19.14
CA GLY A 157 14.18 -0.18 -18.26
C GLY A 157 15.42 -0.92 -17.79
N TYR A 158 15.45 -1.28 -16.52
CA TYR A 158 16.56 -2.04 -15.96
C TYR A 158 16.09 -3.23 -15.12
N SER A 159 14.78 -3.36 -14.92
CA SER A 159 14.27 -4.47 -14.12
C SER A 159 12.80 -4.62 -14.35
N ASP A 160 12.29 -5.81 -14.08
CA ASP A 160 10.84 -6.02 -14.12
C ASP A 160 10.28 -6.55 -12.79
N VAL A 161 9.03 -6.21 -12.50
CA VAL A 161 8.38 -6.69 -11.30
C VAL A 161 6.92 -6.96 -11.59
N ALA A 162 6.28 -7.82 -10.82
CA ALA A 162 4.84 -7.93 -10.92
C ALA A 162 4.19 -6.93 -9.93
N PHE A 163 3.26 -6.14 -10.43
CA PHE A 163 2.56 -5.18 -9.61
C PHE A 163 1.15 -5.04 -10.13
N ASP A 164 0.18 -5.05 -9.21
CA ASP A 164 -1.22 -4.78 -9.55
C ASP A 164 -1.73 -5.82 -10.53
N GLY A 165 -1.41 -7.09 -10.30
CA GLY A 165 -1.81 -8.16 -11.20
C GLY A 165 -1.05 -8.28 -12.52
N ALA A 166 -0.03 -7.44 -12.78
CA ALA A 166 0.55 -7.36 -14.15
C ALA A 166 2.01 -7.07 -14.20
N ALA A 167 2.65 -7.49 -15.29
CA ALA A 167 4.07 -7.31 -15.38
C ALA A 167 4.34 -5.83 -15.54
N HIS A 168 5.36 -5.36 -14.84
CA HIS A 168 5.68 -3.95 -14.83
C HIS A 168 7.18 -3.78 -14.98
N LEU A 169 7.63 -2.71 -15.64
CA LEU A 169 9.05 -2.37 -15.70
C LEU A 169 9.43 -1.30 -14.69
N LEU A 170 10.64 -1.44 -14.15
CA LEU A 170 11.27 -0.38 -13.40
C LEU A 170 12.18 0.33 -14.42
N LEU A 171 12.05 1.65 -14.54
CA LEU A 171 12.89 2.42 -15.46
C LEU A 171 13.69 3.43 -14.66
N GLU A 172 14.78 3.88 -15.21
CA GLU A 172 15.60 4.90 -14.52
C GLU A 172 16.14 5.91 -15.56
N ARG A 173 16.39 7.13 -15.10
CA ARG A 173 16.97 8.10 -15.93
C ARG A 173 18.16 8.69 -15.18
N ALA A 174 19.34 8.71 -15.82
CA ALA A 174 20.51 9.57 -15.44
C ALA A 174 21.20 9.22 -14.09
N ARG B 8 6.75 24.92 13.73
CA ARG B 8 6.10 23.66 14.25
C ARG B 8 6.80 23.24 15.50
N GLN B 9 6.27 23.67 16.62
CA GLN B 9 7.07 23.55 17.79
C GLN B 9 6.69 22.32 18.56
N VAL B 10 7.72 21.81 19.22
CA VAL B 10 7.64 20.65 20.04
C VAL B 10 7.04 21.14 21.36
N LEU B 11 6.10 20.37 21.92
CA LEU B 11 5.54 20.64 23.25
C LEU B 11 6.09 19.69 24.27
N LYS B 12 6.11 20.12 25.54
CA LYS B 12 6.60 19.30 26.63
C LYS B 12 5.57 19.14 27.72
N THR B 13 5.29 17.91 28.15
CA THR B 13 4.43 17.70 29.30
C THR B 13 5.25 17.11 30.46
N ASP B 14 4.59 16.69 31.53
CA ASP B 14 5.33 16.08 32.66
C ASP B 14 6.23 14.93 32.27
N ARG B 15 5.77 14.10 31.35
CA ARG B 15 6.51 12.89 31.02
C ARG B 15 6.83 12.70 29.51
N LEU B 16 6.30 13.57 28.65
CA LEU B 16 6.36 13.37 27.20
C LEU B 16 6.97 14.55 26.53
N VAL B 17 7.58 14.28 25.39
CA VAL B 17 7.74 15.29 24.39
C VAL B 17 6.76 14.97 23.27
N LEU B 18 6.08 16.03 22.81
CA LEU B 18 5.17 15.89 21.70
C LEU B 18 5.74 16.56 20.48
N GLU B 19 6.07 15.77 19.47
CA GLU B 19 6.76 16.29 18.29
C GLU B 19 5.89 16.12 17.09
N PRO B 20 5.52 17.25 16.41
CA PRO B 20 4.77 17.27 15.17
C PRO B 20 5.29 16.19 14.25
N GLN B 21 4.38 15.36 13.73
CA GLN B 21 4.75 14.22 12.90
C GLN B 21 5.39 14.66 11.59
N SER B 22 6.46 13.94 11.20
CA SER B 22 7.13 14.18 9.92
C SER B 22 7.75 12.89 9.42
N MSE B 23 8.26 12.86 8.20
CA MSE B 23 8.79 11.63 7.58
C MSE B 23 10.00 11.09 8.26
O MSE B 23 10.33 9.92 8.08
CB MSE B 23 9.16 11.83 6.10
CG MSE B 23 8.03 12.34 5.15
SE MSE B 23 6.27 11.64 5.57
CE MSE B 23 6.59 9.78 5.28
N ALA B 24 10.73 11.93 8.98
CA ALA B 24 11.98 11.49 9.57
C ALA B 24 11.83 10.31 10.50
N ARG B 25 10.71 10.19 11.24
CA ARG B 25 10.56 9.00 12.13
C ARG B 25 9.73 7.89 11.50
N PHE B 26 9.70 7.82 10.17
CA PHE B 26 8.92 6.78 9.54
C PHE B 26 9.11 5.35 10.08
N ASP B 27 10.34 4.87 10.21
CA ASP B 27 10.52 3.44 10.55
C ASP B 27 9.95 3.18 11.91
N GLN B 28 10.25 4.11 12.82
CA GLN B 28 9.87 3.98 14.19
C GLN B 28 8.35 4.04 14.29
N TRP B 29 7.70 4.95 13.55
CA TRP B 29 6.26 5.06 13.63
C TRP B 29 5.60 3.86 12.98
N PHE B 30 6.17 3.39 11.88
CA PHE B 30 5.66 2.19 11.18
C PHE B 30 5.67 0.94 12.10
N ALA B 31 6.72 0.78 12.91
CA ALA B 31 6.78 -0.40 13.83
C ALA B 31 5.66 -0.26 14.85
N MSE B 32 5.37 0.98 15.28
CA MSE B 32 4.31 1.17 16.26
C MSE B 32 2.97 0.84 15.63
O MSE B 32 2.15 0.21 16.29
CB MSE B 32 4.26 2.60 16.81
CG MSE B 32 3.09 2.85 17.76
SE MSE B 32 3.09 4.76 18.36
CE MSE B 32 2.51 5.55 16.73
N GLU B 33 2.73 1.26 14.40
CA GLU B 33 1.48 0.88 13.74
C GLU B 33 1.34 -0.64 13.67
N ARG B 34 2.37 -1.33 13.20
CA ARG B 34 2.36 -2.79 13.10
C ARG B 34 2.04 -3.50 14.41
N GLN B 35 2.32 -2.86 15.55
CA GLN B 35 2.13 -3.49 16.87
C GLN B 35 0.75 -3.13 17.42
N ARG B 36 -0.02 -2.36 16.64
CA ARG B 36 -1.33 -1.98 17.05
C ARG B 36 -2.39 -3.00 16.53
N ASP B 37 -2.86 -3.83 17.43
CA ASP B 37 -3.68 -4.98 17.00
C ASP B 37 -5.05 -4.51 16.58
N GLU B 38 -5.13 -4.02 15.34
CA GLU B 38 -6.36 -3.40 14.84
C GLU B 38 -6.32 -3.25 13.32
N ALA B 39 -7.37 -3.71 12.66
CA ALA B 39 -7.45 -3.56 11.22
C ALA B 39 -7.18 -2.12 10.79
N GLY B 40 -6.41 -1.95 9.72
CA GLY B 40 -5.95 -0.62 9.27
C GLY B 40 -4.66 -0.24 9.99
N HIS B 41 -4.13 -1.11 10.82
CA HIS B 41 -2.84 -0.78 11.45
C HIS B 41 -1.90 -1.95 11.40
N ARG B 42 -2.30 -3.06 12.02
CA ARG B 42 -1.48 -4.28 12.00
C ARG B 42 -1.22 -4.81 10.59
N ASP B 43 -2.09 -4.49 9.62
CA ASP B 43 -2.02 -5.11 8.29
C ASP B 43 -1.66 -4.07 7.22
N LEU B 44 -1.08 -2.93 7.65
CA LEU B 44 -0.70 -1.89 6.70
C LEU B 44 0.49 -2.36 5.88
N THR B 45 0.46 -2.15 4.58
CA THR B 45 1.69 -2.34 3.84
C THR B 45 2.61 -1.15 4.07
N GLU B 46 3.88 -1.35 3.80
CA GLU B 46 4.84 -0.26 3.95
C GLU B 46 4.39 0.97 3.11
N ASP B 47 3.91 0.77 1.87
CA ASP B 47 3.50 1.90 1.04
C ASP B 47 2.24 2.60 1.59
N GLN B 48 1.28 1.82 2.08
CA GLN B 48 0.14 2.40 2.78
C GLN B 48 0.51 3.20 4.00
N ALA B 49 1.35 2.65 4.88
CA ALA B 49 1.83 3.39 6.06
C ALA B 49 2.52 4.68 5.60
N TRP B 50 3.36 4.56 4.56
CA TRP B 50 4.15 5.71 4.09
C TRP B 50 3.25 6.80 3.61
N LEU B 51 2.24 6.42 2.85
CA LEU B 51 1.26 7.41 2.35
C LEU B 51 0.44 8.03 3.49
N ARG B 52 0.09 7.23 4.49
CA ARG B 52 -0.55 7.76 5.69
C ARG B 52 0.31 8.83 6.38
N LEU B 53 1.58 8.55 6.67
CA LEU B 53 2.47 9.53 7.22
C LEU B 53 2.69 10.76 6.33
N CYS B 54 2.79 10.60 5.01
CA CYS B 54 2.91 11.71 4.09
C CYS B 54 1.70 12.63 4.28
N ALA B 55 0.50 12.06 4.35
CA ALA B 55 -0.72 12.86 4.57
C ALA B 55 -0.68 13.67 5.89
N ARG B 56 -0.10 13.09 6.94
CA ARG B 56 0.02 13.71 8.21
C ARG B 56 0.89 14.94 8.06
N GLN B 57 1.99 14.79 7.31
CA GLN B 57 2.91 15.89 7.10
C GLN B 57 2.23 16.97 6.23
N GLY B 58 1.51 16.53 5.19
CA GLY B 58 0.71 17.48 4.40
C GLY B 58 -0.30 18.29 5.24
N MSE B 59 -0.98 17.66 6.22
CA MSE B 59 -1.91 18.38 7.09
CA MSE B 59 -1.93 18.38 7.05
C MSE B 59 -1.24 19.59 7.78
O MSE B 59 -1.78 20.69 7.84
CB MSE B 59 -2.44 17.47 8.20
CB MSE B 59 -2.61 17.44 8.05
CG MSE B 59 -3.76 17.95 8.80
CG MSE B 59 -4.04 16.98 7.65
SE MSE B 59 -5.16 17.43 7.53
SE MSE B 59 -4.56 15.21 8.38
CE MSE B 59 -5.17 15.47 7.85
CE MSE B 59 -3.46 15.18 10.01
N TRP B 60 -0.05 19.38 8.30
CA TRP B 60 0.72 20.44 8.91
C TRP B 60 1.02 21.54 7.92
N ASP B 61 1.41 21.18 6.69
CA ASP B 61 1.79 22.19 5.71
C ASP B 61 0.59 23.08 5.33
N ALA B 62 -0.59 22.45 5.21
CA ALA B 62 -1.78 23.15 4.81
C ALA B 62 -2.52 23.90 5.90
N TYR B 63 -2.59 23.39 7.13
CA TYR B 63 -3.50 23.95 8.14
C TYR B 63 -2.72 24.38 9.36
N ALA B 64 -1.44 24.07 9.36
CA ALA B 64 -0.54 24.38 10.48
C ALA B 64 -0.97 23.79 11.85
N CYS B 65 -1.68 22.68 11.82
CA CYS B 65 -1.84 21.81 12.94
C CYS B 65 -1.97 20.38 12.40
N GLY B 66 -1.82 19.40 13.26
CA GLY B 66 -1.96 18.02 12.87
C GLY B 66 -1.65 17.13 14.03
N PHE B 67 -1.02 16.01 13.70
CA PHE B 67 -0.66 14.98 14.61
C PHE B 67 0.74 15.11 15.19
N TYR B 68 0.91 14.54 16.39
CA TYR B 68 2.16 14.55 17.13
C TYR B 68 2.60 13.18 17.50
N TYR B 69 3.91 12.91 17.52
CA TYR B 69 4.42 11.65 18.08
C TYR B 69 4.46 11.90 19.60
N LEU B 70 4.11 10.90 20.40
CA LEU B 70 4.42 10.97 21.83
C LEU B 70 5.76 10.28 22.09
N LEU B 71 6.76 11.04 22.53
CA LEU B 71 8.10 10.50 22.71
C LEU B 71 8.58 10.55 24.17
N ASP B 72 9.27 9.53 24.62
CA ASP B 72 10.03 9.61 25.87
C ASP B 72 11.18 10.57 25.73
N PRO B 73 11.23 11.55 26.60
CA PRO B 73 12.32 12.55 26.56
C PRO B 73 13.73 11.97 26.67
N VAL B 74 13.93 10.82 27.28
CA VAL B 74 15.29 10.32 27.49
C VAL B 74 15.70 9.30 26.41
N SER B 75 14.84 8.32 26.14
CA SER B 75 15.21 7.32 25.18
C SER B 75 14.83 7.68 23.78
N GLY B 76 13.87 8.60 23.58
CA GLY B 76 13.31 8.82 22.24
C GLY B 76 12.27 7.78 21.82
N GLU B 77 12.02 6.78 22.67
CA GLU B 77 11.02 5.78 22.44
C GLU B 77 9.65 6.35 22.09
N MSE B 78 8.99 5.78 21.10
CA MSE B 78 7.70 6.27 20.68
C MSE B 78 6.54 5.64 21.46
O MSE B 78 6.26 4.46 21.25
CB MSE B 78 7.52 6.07 19.16
CG MSE B 78 6.26 6.84 18.66
SE MSE B 78 6.07 6.83 16.85
CE MSE B 78 7.58 7.87 16.39
N ARG B 79 5.85 6.40 22.31
CA ARG B 79 4.87 5.84 23.22
C ARG B 79 3.42 5.99 22.73
N GLY B 80 3.23 6.65 21.59
CA GLY B 80 1.87 6.75 20.99
C GLY B 80 1.83 7.95 20.09
N GLU B 81 0.63 8.35 19.67
CA GLU B 81 0.46 9.50 18.82
C GLU B 81 -0.86 10.15 19.18
N ALA B 82 -0.99 11.45 18.91
CA ALA B 82 -2.20 12.21 19.20
C ALA B 82 -2.23 13.58 18.45
N GLY B 83 -3.42 14.14 18.27
CA GLY B 83 -3.47 15.40 17.59
C GLY B 83 -4.68 15.48 16.75
N PHE B 84 -4.62 16.31 15.72
CA PHE B 84 -5.76 16.77 14.95
C PHE B 84 -5.61 16.38 13.48
N GLN B 85 -6.74 16.17 12.82
CA GLN B 85 -6.76 15.88 11.39
C GLN B 85 -8.01 16.44 10.77
N PHE B 86 -7.94 16.78 9.50
CA PHE B 86 -9.13 17.14 8.69
C PHE B 86 -9.39 15.96 7.77
N ARG B 87 -10.61 15.41 7.82
CA ARG B 87 -11.02 14.25 7.03
C ARG B 87 -12.34 14.53 6.24
N ARG B 88 -12.67 13.63 5.29
CA ARG B 88 -13.86 13.78 4.48
C ARG B 88 -14.62 12.47 4.51
N ARG B 89 -15.05 12.04 5.69
CA ARG B 89 -15.59 10.67 5.88
C ARG B 89 -17.03 10.62 5.43
N GLY B 90 -17.62 11.79 5.19
CA GLY B 90 -19.00 11.84 4.67
C GLY B 90 -20.10 12.05 5.69
N PHE B 91 -19.76 12.53 6.91
CA PHE B 91 -20.80 12.80 7.95
C PHE B 91 -21.33 14.22 7.92
N GLY B 92 -21.31 14.83 6.74
CA GLY B 92 -21.79 16.19 6.52
C GLY B 92 -20.92 17.34 7.02
N PRO B 93 -21.42 18.59 6.84
CA PRO B 93 -20.61 19.83 6.95
C PRO B 93 -20.29 20.29 8.38
N GLY B 94 -21.01 19.78 9.37
CA GLY B 94 -20.66 20.07 10.75
C GLY B 94 -19.63 19.10 11.27
N PHE B 95 -19.15 18.19 10.43
CA PHE B 95 -18.17 17.19 10.91
C PHE B 95 -16.97 17.02 9.99
N ASP B 96 -17.24 16.81 8.70
CA ASP B 96 -16.24 16.84 7.66
C ASP B 96 -15.56 18.24 7.62
N ASN B 97 -14.29 18.26 7.24
CA ASN B 97 -13.44 19.48 7.29
C ASN B 97 -13.48 20.37 8.60
N HIS B 98 -13.53 19.75 9.79
CA HIS B 98 -13.41 20.44 11.12
C HIS B 98 -12.24 19.78 11.78
N PRO B 99 -11.54 20.45 12.70
CA PRO B 99 -10.42 19.73 13.32
C PRO B 99 -10.96 18.57 14.15
N GLU B 100 -10.43 17.38 13.87
CA GLU B 100 -10.86 16.19 14.52
C GLU B 100 -9.74 15.65 15.31
N ALA B 101 -9.99 15.46 16.59
CA ALA B 101 -9.04 14.95 17.52
C ALA B 101 -9.07 13.46 17.50
N ALA B 102 -7.91 12.85 17.63
CA ALA B 102 -7.77 11.42 17.73
C ALA B 102 -6.51 11.16 18.49
N TRP B 103 -6.44 10.02 19.18
CA TRP B 103 -5.22 9.63 19.95
C TRP B 103 -5.10 8.12 20.02
N ALA B 104 -3.89 7.63 20.26
CA ALA B 104 -3.67 6.19 20.41
C ALA B 104 -2.33 5.98 21.11
N VAL B 105 -2.33 5.22 22.18
CA VAL B 105 -1.11 4.96 22.94
C VAL B 105 -0.61 3.60 22.50
N ALA B 106 0.69 3.47 22.36
CA ALA B 106 1.29 2.22 21.95
C ALA B 106 0.98 1.10 22.94
N SER B 107 1.01 -0.11 22.41
CA SER B 107 0.45 -1.31 23.06
C SER B 107 1.10 -1.61 24.36
N ALA B 108 2.41 -1.44 24.40
CA ALA B 108 3.14 -1.73 25.62
C ALA B 108 3.11 -0.59 26.61
N HIS B 109 2.39 0.51 26.31
CA HIS B 109 2.47 1.78 27.09
C HIS B 109 1.16 2.32 27.70
N GLN B 110 0.10 1.50 27.62
CA GLN B 110 -1.23 1.86 28.02
C GLN B 110 -1.50 1.74 29.49
N GLY B 111 -2.57 2.39 29.94
CA GLY B 111 -2.98 2.34 31.34
C GLY B 111 -2.15 3.25 32.26
N ARG B 112 -1.47 4.23 31.68
CA ARG B 112 -0.64 5.09 32.55
C ARG B 112 -1.00 6.55 32.45
N GLY B 113 -2.18 6.81 31.88
CA GLY B 113 -2.66 8.18 31.75
C GLY B 113 -1.88 8.99 30.71
N LEU B 114 -1.13 8.31 29.82
CA LEU B 114 -0.42 9.01 28.75
C LEU B 114 -1.38 9.77 27.83
N ALA B 115 -2.53 9.18 27.49
CA ALA B 115 -3.44 9.81 26.52
C ALA B 115 -4.06 11.10 27.08
N ALA B 116 -4.62 11.00 28.29
CA ALA B 116 -5.10 12.18 29.03
C ALA B 116 -4.08 13.29 29.08
N GLU B 117 -2.87 12.93 29.45
CA GLU B 117 -1.81 13.93 29.65
C GLU B 117 -1.47 14.56 28.29
N ALA B 118 -1.36 13.76 27.24
CA ALA B 118 -1.05 14.33 25.90
C ALA B 118 -2.18 15.22 25.39
N MSE B 119 -3.44 14.78 25.52
CA MSE B 119 -4.59 15.49 24.93
C MSE B 119 -4.92 16.75 25.68
O MSE B 119 -5.39 17.68 25.06
CB MSE B 119 -5.90 14.66 24.84
CG MSE B 119 -5.90 13.69 23.64
SE MSE B 119 -5.59 14.42 21.89
CE MSE B 119 -6.89 15.87 21.91
N GLN B 120 -4.74 16.75 26.99
CA GLN B 120 -4.91 17.94 27.80
C GLN B 120 -3.96 19.03 27.28
N ALA B 121 -2.71 18.67 27.01
CA ALA B 121 -1.77 19.66 26.48
C ALA B 121 -2.14 20.07 25.04
N LEU B 122 -2.53 19.10 24.19
CA LEU B 122 -2.87 19.44 22.79
C LEU B 122 -4.06 20.33 22.75
N LEU B 123 -5.06 20.03 23.58
CA LEU B 123 -6.32 20.81 23.56
C LEU B 123 -6.16 22.24 24.10
N ALA B 124 -5.42 22.38 25.19
CA ALA B 124 -5.05 23.70 25.74
C ALA B 124 -4.33 24.52 24.69
N HIS B 125 -3.34 23.91 24.04
CA HIS B 125 -2.65 24.53 22.91
C HIS B 125 -3.58 24.90 21.72
N HIS B 126 -4.39 23.94 21.26
CA HIS B 126 -5.34 24.19 20.21
C HIS B 126 -6.32 25.32 20.56
N ASP B 127 -6.81 25.38 21.80
CA ASP B 127 -7.65 26.50 22.20
C ASP B 127 -7.01 27.88 21.98
N ARG B 128 -5.68 27.97 22.11
CA ARG B 128 -5.11 29.30 21.92
C ARG B 128 -4.94 29.62 20.43
N SER B 129 -4.47 28.65 19.64
CA SER B 129 -4.25 28.82 18.19
C SER B 129 -5.51 29.19 17.43
N SER B 130 -6.61 28.60 17.83
CA SER B 130 -7.85 28.72 17.13
C SER B 130 -8.86 29.37 18.10
N GLN B 133 -11.63 27.19 18.49
CA GLN B 133 -12.48 26.49 17.54
C GLN B 133 -13.18 25.25 18.15
N ARG B 134 -14.30 24.86 17.56
CA ARG B 134 -14.98 23.63 17.90
C ARG B 134 -14.21 22.42 17.34
N VAL B 135 -13.96 21.45 18.19
CA VAL B 135 -13.16 20.28 17.84
C VAL B 135 -14.11 19.14 17.88
N VAL B 136 -13.98 18.19 16.97
CA VAL B 136 -14.85 17.00 16.89
C VAL B 136 -14.05 15.74 17.07
N ALA B 137 -14.75 14.64 17.28
CA ALA B 137 -14.14 13.35 17.39
C ALA B 137 -15.10 12.25 16.99
N LEU B 138 -14.50 11.15 16.56
CA LEU B 138 -15.28 10.01 16.09
C LEU B 138 -14.90 8.83 16.95
N ILE B 139 -15.84 8.25 17.70
CA ILE B 139 -15.49 7.19 18.65
C ILE B 139 -16.59 6.09 18.68
N ALA B 140 -16.14 4.86 18.67
CA ALA B 140 -17.02 3.75 18.66
C ALA B 140 -17.85 3.72 19.99
N ARG B 141 -19.15 3.46 19.87
CA ARG B 141 -20.00 3.42 21.04
CA ARG B 141 -20.05 3.40 21.02
C ARG B 141 -19.61 2.30 22.01
N SER B 142 -19.01 1.23 21.48
CA SER B 142 -18.47 0.16 22.31
C SER B 142 -17.12 0.50 23.03
N ASN B 143 -16.48 1.60 22.68
CA ASN B 143 -15.20 1.92 23.26
C ASN B 143 -15.37 2.79 24.51
N LEU B 144 -15.75 2.14 25.61
CA LEU B 144 -16.05 2.84 26.81
C LEU B 144 -14.91 3.69 27.41
N PRO B 145 -13.67 3.14 27.51
CA PRO B 145 -12.60 3.94 28.11
C PRO B 145 -12.30 5.21 27.28
N SER B 146 -12.24 5.12 25.94
CA SER B 146 -12.07 6.34 25.13
C SER B 146 -13.19 7.36 25.22
N LEU B 147 -14.42 6.89 25.33
CA LEU B 147 -15.56 7.78 25.52
C LEU B 147 -15.50 8.44 26.90
N ARG B 148 -15.07 7.68 27.92
CA ARG B 148 -14.81 8.19 29.29
C ARG B 148 -13.76 9.30 29.20
N LEU B 149 -12.64 9.01 28.58
CA LEU B 149 -11.61 10.03 28.45
C LEU B 149 -12.10 11.23 27.64
N ALA B 150 -12.84 10.98 26.56
CA ALA B 150 -13.33 12.07 25.75
C ALA B 150 -14.26 13.01 26.57
N GLU B 151 -15.16 12.44 27.40
CA GLU B 151 -16.04 13.30 28.18
C GLU B 151 -15.23 14.14 29.15
N ARG B 152 -14.25 13.54 29.84
CA ARG B 152 -13.37 14.32 30.75
C ARG B 152 -12.65 15.46 30.06
N LEU B 153 -12.34 15.27 28.77
CA LEU B 153 -11.70 16.33 28.01
C LEU B 153 -12.68 17.39 27.52
N GLY B 154 -13.98 17.23 27.78
CA GLY B 154 -14.95 18.24 27.38
C GLY B 154 -15.77 17.90 26.14
N PHE B 155 -15.57 16.72 25.57
CA PHE B 155 -16.30 16.33 24.40
C PHE B 155 -17.72 15.87 24.78
N ARG B 156 -18.70 16.19 23.94
CA ARG B 156 -20.10 15.76 24.16
C ARG B 156 -20.59 15.04 22.90
N GLY B 157 -21.27 13.92 23.08
CA GLY B 157 -21.82 13.18 21.96
C GLY B 157 -22.94 14.01 21.33
N TYR B 158 -22.90 14.21 20.02
CA TYR B 158 -24.04 14.93 19.41
C TYR B 158 -24.83 14.19 18.33
N SER B 159 -24.35 13.02 17.90
CA SER B 159 -24.97 12.28 16.77
C SER B 159 -24.36 10.93 16.69
N ASP B 160 -25.17 9.90 16.44
CA ASP B 160 -24.63 8.56 16.16
C ASP B 160 -24.77 8.20 14.71
N VAL B 161 -23.75 7.52 14.23
CA VAL B 161 -23.66 7.12 12.88
C VAL B 161 -23.14 5.71 12.84
N ALA B 162 -23.17 5.13 11.65
CA ALA B 162 -22.52 3.86 11.40
C ALA B 162 -21.20 4.14 10.74
N PHE B 163 -20.15 3.48 11.18
CA PHE B 163 -18.85 3.57 10.53
C PHE B 163 -18.21 2.19 10.66
N ASP B 164 -17.81 1.63 9.53
CA ASP B 164 -17.26 0.29 9.50
C ASP B 164 -18.30 -0.67 10.04
N GLY B 165 -19.54 -0.48 9.59
CA GLY B 165 -20.69 -1.28 10.06
C GLY B 165 -20.63 -1.45 11.59
N ALA B 166 -20.40 -0.35 12.32
CA ALA B 166 -20.54 -0.36 13.77
C ALA B 166 -21.06 1.00 14.24
N ALA B 167 -21.78 0.99 15.34
CA ALA B 167 -22.26 2.21 15.88
C ALA B 167 -21.07 3.05 16.41
N HIS B 168 -21.03 4.33 16.02
CA HIS B 168 -20.03 5.30 16.50
C HIS B 168 -20.77 6.55 16.94
N LEU B 169 -20.15 7.36 17.80
CA LEU B 169 -20.67 8.72 18.05
C LEU B 169 -19.83 9.76 17.34
N LEU B 170 -20.53 10.80 16.89
CA LEU B 170 -19.87 12.07 16.58
C LEU B 170 -19.95 12.91 17.86
N LEU B 171 -18.78 13.35 18.32
CA LEU B 171 -18.65 14.21 19.50
C LEU B 171 -18.13 15.58 19.15
N GLU B 172 -18.48 16.55 19.96
CA GLU B 172 -17.95 17.89 19.75
C GLU B 172 -17.54 18.50 21.08
N ARG B 173 -16.53 19.35 21.03
CA ARG B 173 -16.10 20.12 22.17
C ARG B 173 -16.01 21.56 21.73
N ALA B 174 -16.80 22.41 22.36
CA ALA B 174 -16.77 23.84 22.02
C ALA B 174 -15.65 24.54 22.82
N ARG C 8 8.99 -36.00 -0.01
CA ARG C 8 9.53 -35.14 1.13
C ARG C 8 11.05 -35.22 1.27
N GLN C 9 11.75 -34.62 0.32
CA GLN C 9 13.19 -34.61 0.24
C GLN C 9 13.45 -33.47 -0.72
N VAL C 10 14.68 -33.00 -0.74
CA VAL C 10 15.08 -31.90 -1.58
C VAL C 10 15.18 -32.38 -3.02
N LEU C 11 14.50 -31.70 -3.95
CA LEU C 11 14.62 -31.99 -5.40
C LEU C 11 15.47 -30.93 -6.10
N LYS C 12 16.03 -31.26 -7.26
CA LYS C 12 16.89 -30.33 -8.00
C LYS C 12 16.40 -30.12 -9.43
N THR C 13 16.45 -28.89 -9.89
CA THR C 13 16.27 -28.68 -11.33
C THR C 13 17.49 -27.87 -11.87
N ASP C 14 17.47 -27.56 -13.16
CA ASP C 14 18.55 -26.74 -13.77
C ASP C 14 18.86 -25.48 -12.94
N ARG C 15 17.81 -24.78 -12.52
CA ARG C 15 17.98 -23.51 -11.85
C ARG C 15 17.51 -23.48 -10.40
N LEU C 16 16.84 -24.54 -9.95
CA LEU C 16 16.30 -24.50 -8.59
C LEU C 16 16.66 -25.69 -7.69
N VAL C 17 16.78 -25.40 -6.41
CA VAL C 17 16.71 -26.38 -5.33
C VAL C 17 15.29 -26.22 -4.76
N LEU C 18 14.55 -27.33 -4.73
CA LEU C 18 13.16 -27.39 -4.20
C LEU C 18 13.17 -28.05 -2.85
N GLU C 19 12.89 -27.27 -1.82
CA GLU C 19 13.09 -27.70 -0.45
C GLU C 19 11.74 -27.69 0.26
N PRO C 20 11.37 -28.84 0.82
CA PRO C 20 10.13 -28.94 1.63
C PRO C 20 10.00 -27.81 2.64
N GLN C 21 8.87 -27.13 2.63
CA GLN C 21 8.64 -25.98 3.50
C GLN C 21 8.63 -26.39 4.95
N SER C 22 9.43 -25.64 5.73
CA SER C 22 9.54 -25.87 7.16
C SER C 22 9.81 -24.52 7.84
N MSE C 23 9.69 -24.50 9.16
CA MSE C 23 9.78 -23.23 9.92
C MSE C 23 11.16 -22.54 9.82
O MSE C 23 11.26 -21.34 9.98
CB MSE C 23 9.44 -23.44 11.43
CG MSE C 23 8.10 -24.22 11.72
SE MSE C 23 6.60 -23.61 10.57
CE MSE C 23 6.51 -21.89 11.36
N ALA C 24 12.22 -23.31 9.60
CA ALA C 24 13.59 -22.74 9.62
C ALA C 24 13.79 -21.49 8.71
N ARG C 25 13.19 -21.48 7.51
CA ARG C 25 13.26 -20.29 6.61
C ARG C 25 12.12 -19.25 6.73
N PHE C 26 11.50 -19.17 7.90
CA PHE C 26 10.35 -18.27 8.06
C PHE C 26 10.60 -16.80 7.61
N ASP C 27 11.64 -16.14 8.12
CA ASP C 27 11.85 -14.70 7.83
C ASP C 27 12.02 -14.50 6.35
N GLN C 28 12.67 -15.50 5.76
CA GLN C 28 13.02 -15.41 4.38
C GLN C 28 11.72 -15.54 3.53
N TRP C 29 10.88 -16.52 3.88
CA TRP C 29 9.59 -16.70 3.24
C TRP C 29 8.59 -15.59 3.55
N PHE C 30 8.57 -15.11 4.79
CA PHE C 30 7.66 -14.01 5.14
C PHE C 30 7.98 -12.73 4.27
N ALA C 31 9.27 -12.45 4.08
CA ALA C 31 9.65 -11.22 3.33
C ALA C 31 9.15 -11.39 1.89
N MSE C 32 9.25 -12.62 1.35
CA MSE C 32 8.72 -12.91 -0.01
C MSE C 32 7.20 -12.72 -0.10
O MSE C 32 6.69 -12.10 -1.06
CB MSE C 32 9.05 -14.33 -0.43
CG MSE C 32 8.56 -14.63 -1.84
SE MSE C 32 8.92 -16.48 -2.34
CE MSE C 32 7.53 -17.24 -1.17
N GLU C 33 6.49 -13.25 0.90
CA GLU C 33 5.05 -13.04 1.01
C GLU C 33 4.67 -11.52 1.00
N ARG C 34 5.44 -10.69 1.70
CA ARG C 34 5.12 -9.25 1.79
CA ARG C 34 5.20 -9.26 1.81
C ARG C 34 5.33 -8.54 0.45
N GLN C 35 6.20 -9.06 -0.40
CA GLN C 35 6.47 -8.47 -1.71
C GLN C 35 5.54 -8.99 -2.81
N ARG C 36 4.62 -9.84 -2.45
CA ARG C 36 3.65 -10.34 -3.43
C ARG C 36 2.44 -9.40 -3.37
N ASP C 37 2.30 -8.55 -4.38
CA ASP C 37 1.30 -7.46 -4.34
C ASP C 37 -0.05 -8.09 -4.63
N GLU C 38 -0.64 -8.66 -3.59
CA GLU C 38 -1.89 -9.38 -3.68
C GLU C 38 -2.50 -9.51 -2.27
N ALA C 39 -3.81 -9.26 -2.19
CA ALA C 39 -4.58 -9.50 -0.94
C ALA C 39 -4.32 -10.88 -0.28
N GLY C 40 -3.95 -10.91 0.96
CA GLY C 40 -3.73 -12.18 1.65
C GLY C 40 -2.25 -12.47 1.76
N HIS C 41 -1.42 -11.61 1.18
CA HIS C 41 0.04 -11.81 1.13
C HIS C 41 0.73 -10.51 1.55
N ARG C 42 0.51 -9.44 0.77
CA ARG C 42 1.06 -8.11 1.06
C ARG C 42 0.65 -7.60 2.43
N ASP C 43 -0.52 -8.01 2.92
CA ASP C 43 -1.07 -7.45 4.16
C ASP C 43 -1.02 -8.36 5.38
N LEU C 44 -0.26 -9.46 5.30
CA LEU C 44 -0.18 -10.40 6.37
C LEU C 44 0.49 -9.80 7.59
N THR C 45 -0.04 -10.10 8.77
CA THR C 45 0.75 -9.86 9.96
C THR C 45 1.79 -11.00 10.09
N GLU C 46 2.78 -10.76 10.93
CA GLU C 46 3.77 -11.77 11.18
C GLU C 46 3.18 -13.05 11.83
N ASP C 47 2.23 -12.92 12.76
CA ASP C 47 1.56 -14.09 13.33
C ASP C 47 0.72 -14.86 12.29
N GLN C 48 0.06 -14.18 11.36
CA GLN C 48 -0.73 -14.88 10.31
C GLN C 48 0.20 -15.61 9.39
N ALA C 49 1.30 -14.97 9.02
CA ALA C 49 2.29 -15.58 8.15
C ALA C 49 2.81 -16.80 8.87
N TRP C 50 3.19 -16.69 10.15
CA TRP C 50 3.72 -17.81 10.94
C TRP C 50 2.73 -19.00 10.97
N LEU C 51 1.46 -18.69 11.16
CA LEU C 51 0.45 -19.74 11.28
C LEU C 51 0.21 -20.37 9.91
N ARG C 52 0.44 -19.62 8.83
CA ARG C 52 0.34 -20.20 7.47
C ARG C 52 1.44 -21.17 7.21
N LEU C 53 2.66 -20.78 7.55
CA LEU C 53 3.81 -21.68 7.50
C LEU C 53 3.68 -22.89 8.41
N CYS C 54 3.15 -22.70 9.61
CA CYS C 54 2.77 -23.86 10.47
C CYS C 54 1.85 -24.86 9.79
N ALA C 55 0.87 -24.36 9.04
CA ALA C 55 -0.08 -25.25 8.33
C ALA C 55 0.64 -25.97 7.21
N ARG C 56 1.59 -25.28 6.57
CA ARG C 56 2.40 -25.92 5.48
C ARG C 56 3.19 -27.10 6.04
N GLN C 57 3.77 -26.97 7.21
CA GLN C 57 4.53 -28.08 7.81
C GLN C 57 3.59 -29.19 8.31
N GLY C 58 2.39 -28.83 8.79
CA GLY C 58 1.40 -29.82 9.24
C GLY C 58 0.88 -30.71 8.12
N MSE C 59 0.69 -30.12 6.93
CA MSE C 59 0.36 -30.83 5.69
C MSE C 59 1.40 -31.92 5.32
O MSE C 59 1.04 -33.07 5.01
CB MSE C 59 0.17 -29.86 4.51
CG MSE C 59 -1.29 -29.32 4.37
SE MSE C 59 -1.18 -27.74 3.20
CE MSE C 59 -2.40 -26.50 4.07
N TRP C 60 2.66 -31.55 5.32
CA TRP C 60 3.76 -32.54 5.23
C TRP C 60 3.70 -33.66 6.27
N ASP C 61 3.50 -33.30 7.53
CA ASP C 61 3.31 -34.34 8.61
C ASP C 61 2.18 -35.34 8.33
N ALA C 62 1.01 -34.82 7.99
CA ALA C 62 -0.21 -35.61 7.77
C ALA C 62 -0.30 -36.39 6.44
N TYR C 63 0.29 -35.87 5.37
CA TYR C 63 0.05 -36.42 4.03
C TYR C 63 1.34 -36.77 3.31
N ALA C 64 2.49 -36.33 3.86
CA ALA C 64 3.78 -36.65 3.23
C ALA C 64 3.79 -36.04 1.84
N CYS C 65 3.14 -34.89 1.73
CA CYS C 65 2.98 -34.22 0.47
C CYS C 65 2.77 -32.75 0.84
N GLY C 66 3.36 -31.83 0.07
CA GLY C 66 3.14 -30.46 0.44
C GLY C 66 3.85 -29.47 -0.41
N PHE C 67 4.14 -28.33 0.19
CA PHE C 67 4.70 -27.21 -0.51
C PHE C 67 6.19 -27.12 -0.44
N TYR C 68 6.80 -26.60 -1.49
CA TYR C 68 8.28 -26.43 -1.56
C TYR C 68 8.68 -25.00 -1.66
N TYR C 69 9.84 -24.66 -1.06
CA TYR C 69 10.53 -23.38 -1.33
C TYR C 69 11.28 -23.60 -2.65
N LEU C 70 11.31 -22.58 -3.49
CA LEU C 70 12.16 -22.60 -4.67
C LEU C 70 13.38 -21.72 -4.37
N LEU C 71 14.53 -22.34 -4.22
CA LEU C 71 15.72 -21.62 -3.78
C LEU C 71 16.76 -21.47 -4.86
N ASP C 72 17.44 -20.33 -4.88
CA ASP C 72 18.59 -20.20 -5.78
C ASP C 72 19.68 -21.17 -5.30
N PRO C 73 20.22 -22.01 -6.20
CA PRO C 73 21.37 -22.89 -5.77
C PRO C 73 22.57 -22.05 -5.28
N VAL C 74 22.99 -21.12 -6.13
CA VAL C 74 24.13 -20.23 -5.90
C VAL C 74 23.89 -19.25 -4.72
N SER C 75 22.82 -18.45 -4.76
CA SER C 75 22.66 -17.40 -3.75
C SER C 75 21.85 -17.78 -2.50
N GLY C 76 21.04 -18.84 -2.58
CA GLY C 76 20.15 -19.22 -1.48
C GLY C 76 18.91 -18.33 -1.37
N GLU C 77 18.83 -17.33 -2.25
CA GLU C 77 17.70 -16.44 -2.35
C GLU C 77 16.45 -17.23 -2.77
N MSE C 78 15.31 -16.89 -2.16
CA MSE C 78 14.08 -17.58 -2.42
C MSE C 78 13.40 -17.02 -3.66
O MSE C 78 13.10 -15.83 -3.75
CB MSE C 78 13.15 -17.46 -1.24
CG MSE C 78 11.85 -18.34 -1.39
SE MSE C 78 11.05 -18.45 0.33
CE MSE C 78 12.32 -19.54 1.23
N ARG C 79 13.17 -17.87 -4.64
CA ARG C 79 12.66 -17.33 -5.88
C ARG C 79 11.16 -17.61 -6.04
N GLY C 80 10.57 -18.20 -5.02
CA GLY C 80 9.14 -18.56 -5.05
C GLY C 80 8.77 -19.79 -4.22
N GLU C 81 7.60 -20.32 -4.49
CA GLU C 81 7.17 -21.51 -3.77
C GLU C 81 6.21 -22.27 -4.72
N ALA C 82 6.05 -23.57 -4.52
CA ALA C 82 5.15 -24.38 -5.34
C ALA C 82 4.97 -25.74 -4.71
N GLY C 83 3.93 -26.43 -5.16
CA GLY C 83 3.71 -27.79 -4.74
C GLY C 83 2.24 -28.04 -4.50
N PHE C 84 1.97 -28.75 -3.42
CA PHE C 84 0.64 -29.35 -3.21
C PHE C 84 0.05 -28.89 -1.90
N GLN C 85 -1.26 -28.67 -1.89
CA GLN C 85 -1.85 -28.32 -0.63
C GLN C 85 -3.17 -29.03 -0.48
N PHE C 86 -3.70 -29.00 0.74
CA PHE C 86 -4.91 -29.74 1.10
C PHE C 86 -5.84 -28.70 1.70
N ARG C 87 -6.94 -28.42 1.01
CA ARG C 87 -7.77 -27.32 1.41
C ARG C 87 -9.21 -27.75 1.55
N ARG C 88 -10.01 -26.96 2.29
CA ARG C 88 -11.46 -27.21 2.37
C ARG C 88 -12.29 -25.97 2.06
N ARG C 89 -12.20 -25.50 0.81
CA ARG C 89 -12.95 -24.28 0.46
C ARG C 89 -14.45 -24.53 0.28
N GLY C 90 -14.87 -25.79 0.20
CA GLY C 90 -16.29 -26.13 0.09
C GLY C 90 -16.79 -26.41 -1.32
N PHE C 91 -15.89 -26.80 -2.22
CA PHE C 91 -16.27 -27.06 -3.58
C PHE C 91 -16.59 -28.57 -3.70
N GLY C 92 -17.00 -29.23 -2.61
CA GLY C 92 -17.39 -30.62 -2.70
C GLY C 92 -16.30 -31.68 -2.75
N PRO C 93 -16.72 -32.96 -2.68
CA PRO C 93 -15.88 -34.18 -2.50
C PRO C 93 -14.91 -34.47 -3.62
N GLY C 94 -15.14 -33.93 -4.81
CA GLY C 94 -14.22 -34.18 -5.93
C GLY C 94 -13.08 -33.20 -6.02
N PHE C 95 -13.07 -32.20 -5.14
CA PHE C 95 -12.04 -31.15 -5.17
C PHE C 95 -11.36 -30.90 -3.82
N ASP C 96 -12.19 -30.74 -2.78
CA ASP C 96 -11.68 -30.57 -1.43
C ASP C 96 -10.89 -31.80 -0.92
N ASN C 97 -9.89 -31.55 -0.07
CA ASN C 97 -9.00 -32.61 0.47
C ASN C 97 -8.44 -33.52 -0.64
N HIS C 98 -8.17 -32.95 -1.81
CA HIS C 98 -7.36 -33.63 -2.81
C HIS C 98 -6.08 -32.82 -2.97
N PRO C 99 -4.97 -33.49 -3.28
CA PRO C 99 -3.72 -32.78 -3.52
C PRO C 99 -3.99 -31.70 -4.56
N GLU C 100 -3.83 -30.47 -4.12
CA GLU C 100 -4.15 -29.33 -4.94
C GLU C 100 -2.83 -28.65 -5.29
N ALA C 101 -2.53 -28.54 -6.57
CA ALA C 101 -1.34 -27.90 -7.05
C ALA C 101 -1.49 -26.37 -7.02
N ALA C 102 -0.46 -25.67 -6.52
CA ALA C 102 -0.42 -24.23 -6.56
C ALA C 102 1.03 -23.76 -6.71
N TRP C 103 1.22 -22.51 -7.11
CA TRP C 103 2.61 -22.05 -7.41
C TRP C 103 2.66 -20.56 -7.37
N ALA C 104 3.79 -19.98 -7.00
CA ALA C 104 3.90 -18.52 -7.02
C ALA C 104 5.35 -18.14 -7.11
N VAL C 105 5.68 -17.40 -8.14
CA VAL C 105 7.03 -16.92 -8.28
C VAL C 105 7.14 -15.48 -7.76
N ALA C 106 8.19 -15.25 -6.98
CA ALA C 106 8.53 -13.96 -6.40
C ALA C 106 8.46 -12.84 -7.46
N SER C 107 8.02 -11.68 -7.02
CA SER C 107 7.71 -10.57 -7.92
CA SER C 107 7.74 -10.53 -7.90
C SER C 107 8.86 -10.21 -8.89
N ALA C 108 10.09 -10.11 -8.40
CA ALA C 108 11.25 -9.76 -9.26
C ALA C 108 11.73 -10.84 -10.27
N HIS C 109 11.21 -12.08 -10.15
CA HIS C 109 11.68 -13.22 -10.98
C HIS C 109 10.61 -13.87 -11.86
N GLN C 110 9.50 -13.18 -12.07
CA GLN C 110 8.50 -13.69 -12.96
C GLN C 110 8.87 -13.63 -14.46
N GLY C 111 8.24 -14.51 -15.24
CA GLY C 111 8.44 -14.55 -16.66
C GLY C 111 9.77 -15.15 -17.08
N ARG C 112 10.40 -15.93 -16.21
CA ARG C 112 11.63 -16.66 -16.61
C ARG C 112 11.38 -18.20 -16.72
N GLY C 113 10.09 -18.58 -16.71
CA GLY C 113 9.67 -19.99 -16.74
C GLY C 113 10.02 -20.81 -15.50
N LEU C 114 10.29 -20.12 -14.36
CA LEU C 114 10.64 -20.83 -13.12
C LEU C 114 9.47 -21.71 -12.65
N ALA C 115 8.23 -21.20 -12.79
CA ALA C 115 7.04 -21.88 -12.29
C ALA C 115 6.89 -23.19 -13.05
N ALA C 116 7.10 -23.13 -14.37
CA ALA C 116 6.96 -24.32 -15.25
C ALA C 116 8.00 -25.34 -14.92
N GLU C 117 9.25 -24.90 -14.78
CA GLU C 117 10.34 -25.84 -14.47
C GLU C 117 10.14 -26.53 -13.10
N ALA C 118 9.70 -25.76 -12.11
CA ALA C 118 9.52 -26.29 -10.72
C ALA C 118 8.38 -27.31 -10.72
N MSE C 119 7.28 -26.96 -11.37
CA MSE C 119 6.07 -27.77 -11.34
C MSE C 119 6.20 -29.03 -12.22
O MSE C 119 5.67 -30.07 -11.87
CB MSE C 119 4.90 -26.94 -11.80
CG MSE C 119 4.37 -26.00 -10.73
SE MSE C 119 3.65 -26.93 -9.14
CE MSE C 119 2.50 -28.30 -9.80
N GLN C 120 6.88 -28.91 -13.36
CA GLN C 120 7.23 -30.08 -14.13
C GLN C 120 7.99 -31.11 -13.23
N ALA C 121 9.03 -30.67 -12.53
CA ALA C 121 9.78 -31.57 -11.63
C ALA C 121 8.87 -32.13 -10.51
N LEU C 122 8.00 -31.32 -9.95
CA LEU C 122 7.19 -31.78 -8.82
C LEU C 122 6.13 -32.80 -9.21
N LEU C 123 5.48 -32.56 -10.35
CA LEU C 123 4.47 -33.44 -10.86
C LEU C 123 5.09 -34.77 -11.29
N ALA C 124 6.28 -34.76 -11.94
CA ALA C 124 6.93 -36.01 -12.40
C ALA C 124 7.27 -36.82 -11.16
N HIS C 125 7.74 -36.11 -10.13
CA HIS C 125 7.96 -36.72 -8.85
C HIS C 125 6.69 -37.33 -8.19
N HIS C 126 5.61 -36.53 -8.09
CA HIS C 126 4.35 -37.02 -7.62
C HIS C 126 3.85 -38.20 -8.47
N ASP C 127 4.15 -38.20 -9.77
CA ASP C 127 3.66 -39.24 -10.67
C ASP C 127 4.13 -40.63 -10.29
N ARG C 128 5.41 -40.76 -9.89
CA ARG C 128 5.97 -42.00 -9.27
C ARG C 128 5.43 -42.29 -7.85
N SER C 129 5.67 -41.37 -6.90
CA SER C 129 5.14 -41.41 -5.53
C SER C 129 3.64 -41.63 -5.57
N GLN C 133 -2.16 -40.65 -9.15
CA GLN C 133 -3.23 -40.04 -8.36
C GLN C 133 -3.71 -38.75 -9.07
N ARG C 134 -5.01 -38.53 -9.06
CA ARG C 134 -5.55 -37.35 -9.65
C ARG C 134 -5.14 -36.11 -8.80
N VAL C 135 -4.72 -35.04 -9.50
CA VAL C 135 -4.40 -33.75 -8.87
C VAL C 135 -5.31 -32.62 -9.40
N VAL C 136 -5.67 -31.65 -8.54
CA VAL C 136 -6.57 -30.57 -8.87
C VAL C 136 -5.93 -29.21 -8.72
N ALA C 137 -6.60 -28.20 -9.23
CA ALA C 137 -6.15 -26.83 -8.97
C ALA C 137 -7.25 -25.82 -9.14
N LEU C 138 -6.99 -24.68 -8.54
CA LEU C 138 -7.95 -23.58 -8.55
C LEU C 138 -7.30 -22.37 -9.21
N ILE C 139 -7.80 -21.96 -10.37
CA ILE C 139 -7.23 -20.79 -11.09
C ILE C 139 -8.32 -19.85 -11.60
N ALA C 140 -8.06 -18.55 -11.51
CA ALA C 140 -9.02 -17.52 -11.88
C ALA C 140 -9.18 -17.53 -13.37
N ARG C 141 -10.43 -17.45 -13.79
CA ARG C 141 -10.74 -17.49 -15.21
C ARG C 141 -10.00 -16.43 -16.06
N SER C 142 -9.69 -15.28 -15.47
CA SER C 142 -9.04 -14.20 -16.21
C SER C 142 -7.51 -14.32 -16.19
N ASN C 143 -7.00 -15.26 -15.41
CA ASN C 143 -5.57 -15.47 -15.28
C ASN C 143 -5.05 -16.34 -16.40
N LEU C 144 -5.00 -15.73 -17.60
CA LEU C 144 -4.62 -16.40 -18.87
C LEU C 144 -3.29 -17.17 -18.84
N PRO C 145 -2.19 -16.54 -18.35
CA PRO C 145 -0.92 -17.24 -18.35
C PRO C 145 -0.88 -18.41 -17.33
N SER C 146 -1.43 -18.26 -16.13
CA SER C 146 -1.55 -19.43 -15.25
C SER C 146 -2.36 -20.55 -15.87
N LEU C 147 -3.47 -20.21 -16.56
CA LEU C 147 -4.29 -21.25 -17.20
C LEU C 147 -3.47 -21.97 -18.24
N ARG C 148 -2.66 -21.22 -18.99
CA ARG C 148 -1.93 -21.80 -20.11
C ARG C 148 -0.90 -22.79 -19.55
N LEU C 149 -0.20 -22.36 -18.48
CA LEU C 149 0.82 -23.18 -17.86
C LEU C 149 0.23 -24.45 -17.25
N ALA C 150 -0.88 -24.32 -16.51
CA ALA C 150 -1.61 -25.45 -16.01
C ALA C 150 -1.94 -26.43 -17.14
N GLU C 151 -2.44 -25.90 -18.25
CA GLU C 151 -2.82 -26.78 -19.37
C GLU C 151 -1.62 -27.52 -19.98
N ARG C 152 -0.50 -26.82 -20.13
CA ARG C 152 0.81 -27.43 -20.46
C ARG C 152 1.22 -28.48 -19.47
N LEU C 153 0.93 -28.25 -18.20
CA LEU C 153 1.19 -29.26 -17.17
C LEU C 153 0.25 -30.48 -17.16
N GLY C 154 -0.80 -30.51 -17.98
CA GLY C 154 -1.72 -31.67 -18.00
C GLY C 154 -3.09 -31.43 -17.35
N PHE C 155 -3.33 -30.24 -16.78
CA PHE C 155 -4.61 -29.86 -16.18
C PHE C 155 -5.62 -29.49 -17.24
N ARG C 156 -6.89 -29.84 -16.99
CA ARG C 156 -8.01 -29.34 -17.80
C ARG C 156 -9.16 -28.85 -16.91
N GLY C 157 -9.87 -27.82 -17.35
CA GLY C 157 -11.06 -27.33 -16.62
C GLY C 157 -12.19 -28.37 -16.62
N TYR C 158 -13.00 -28.42 -15.57
CA TYR C 158 -14.10 -29.38 -15.52
C TYR C 158 -15.25 -28.82 -14.79
N SER C 159 -15.04 -27.71 -14.07
CA SER C 159 -16.18 -27.05 -13.39
C SER C 159 -15.88 -25.58 -13.14
N ASP C 160 -16.88 -24.80 -12.77
CA ASP C 160 -16.63 -23.43 -12.42
C ASP C 160 -17.25 -23.04 -11.07
N VAL C 161 -16.68 -22.00 -10.48
CA VAL C 161 -17.05 -21.51 -9.17
C VAL C 161 -16.63 -20.06 -9.05
N ALA C 162 -17.44 -19.30 -8.33
CA ALA C 162 -17.04 -17.98 -7.96
C ALA C 162 -16.29 -18.07 -6.60
N PHE C 163 -15.16 -17.39 -6.54
CA PHE C 163 -14.35 -17.41 -5.34
C PHE C 163 -13.66 -16.07 -5.32
N ASP C 164 -13.51 -15.49 -4.13
CA ASP C 164 -12.81 -14.24 -3.98
C ASP C 164 -13.37 -13.21 -4.97
N GLY C 165 -14.69 -13.21 -5.12
CA GLY C 165 -15.38 -12.20 -5.92
C GLY C 165 -15.23 -12.30 -7.43
N ALA C 166 -14.63 -13.38 -7.95
CA ALA C 166 -14.35 -13.56 -9.39
C ALA C 166 -14.62 -14.99 -9.89
N ALA C 167 -14.82 -15.16 -11.19
CA ALA C 167 -15.03 -16.50 -11.76
C ALA C 167 -13.75 -17.35 -11.69
N HIS C 168 -13.83 -18.55 -11.14
CA HIS C 168 -12.65 -19.46 -11.09
C HIS C 168 -12.97 -20.78 -11.77
N LEU C 169 -11.91 -21.49 -12.16
CA LEU C 169 -12.04 -22.80 -12.78
C LEU C 169 -11.50 -23.77 -11.77
N LEU C 170 -12.25 -24.86 -11.59
CA LEU C 170 -11.73 -26.06 -10.98
C LEU C 170 -11.09 -26.84 -12.11
N LEU C 171 -9.82 -27.21 -11.94
CA LEU C 171 -9.10 -28.00 -12.91
C LEU C 171 -8.62 -29.32 -12.32
N GLU C 172 -8.33 -30.29 -13.18
CA GLU C 172 -7.89 -31.61 -12.75
C GLU C 172 -6.85 -32.17 -13.73
N ARG C 173 -5.90 -32.93 -13.21
CA ARG C 173 -4.93 -33.61 -14.02
C ARG C 173 -4.94 -35.12 -13.75
N ALA C 174 -5.22 -35.92 -14.79
CA ALA C 174 -5.18 -37.41 -14.64
C ALA C 174 -3.82 -37.92 -14.14
S SO4 D . -0.15 12.06 -23.99
O1 SO4 D . -1.31 11.66 -24.74
O2 SO4 D . 1.19 11.95 -24.61
O3 SO4 D . -0.24 13.49 -23.64
O4 SO4 D . -0.18 11.24 -22.76
S SO4 E . 0.29 3.35 -8.01
O1 SO4 E . -0.77 2.62 -8.75
O2 SO4 E . 1.39 3.47 -9.01
O3 SO4 E . -0.22 4.66 -7.54
O4 SO4 E . 0.82 2.59 -6.86
S SO4 F . -4.20 5.41 28.50
O1 SO4 F . -4.22 4.00 28.15
O2 SO4 F . -3.14 6.09 27.79
O3 SO4 F . -5.45 6.04 28.08
O4 SO4 F . -4.18 5.64 29.96
S SO4 G . -9.18 6.15 10.01
O1 SO4 G . -10.63 5.94 10.15
O2 SO4 G . -8.85 6.31 8.61
O3 SO4 G . -8.79 7.32 10.82
O4 SO4 G . -8.31 5.07 10.38
S SO4 H . 5.71 6.35 33.11
O1 SO4 H . 4.95 5.28 32.49
O2 SO4 H . 6.24 7.36 32.18
O3 SO4 H . 4.84 6.92 34.17
O4 SO4 H . 6.87 5.69 33.66
S SO4 I . 6.73 -17.87 -14.65
O1 SO4 I . 5.62 -18.70 -15.10
O2 SO4 I . 7.42 -17.50 -15.91
O3 SO4 I . 6.39 -16.74 -13.75
O4 SO4 I . 7.69 -18.60 -13.79
#